data_2PY9
#
_entry.id   2PY9
#
_cell.length_a   92.006
_cell.length_b   58.697
_cell.length_c   71.496
_cell.angle_alpha   90.00
_cell.angle_beta   90.00
_cell.angle_gamma   90.00
#
_symmetry.space_group_name_H-M   'P 21 21 2'
#
loop_
_entity.id
_entity.type
_entity.pdbx_description
1 polymer '12-mer C-rich strand of human telomeric RNA'
2 polymer 'Poly(rC)-binding protein 2'
3 water water
#
loop_
_entity_poly.entity_id
_entity_poly.type
_entity_poly.pdbx_seq_one_letter_code
_entity_poly.pdbx_strand_id
1 'polyribonucleotide' AACCCUAACCCU E,F
2 'polypeptide(L)'
;KNVTLTIRLL(MSE)HGKEVGSIIGKKGESVKK(MSE)REESGARINISEGNCPERIITLAGPTNAIFKAFA(MSE)IID
KLEED
;
A,B,C,D
#
# COMPACT_ATOMS: atom_id res chain seq x y z
N LYS C 1 -20.68 14.23 -32.06
CA LYS C 1 -19.47 14.95 -31.59
C LYS C 1 -19.53 15.32 -30.04
N ASN C 2 -20.21 14.48 -29.22
CA ASN C 2 -20.17 14.59 -27.72
C ASN C 2 -18.99 15.38 -27.09
N VAL C 3 -19.36 16.24 -26.14
CA VAL C 3 -18.37 16.96 -25.34
C VAL C 3 -18.13 16.40 -23.96
N THR C 4 -18.86 15.34 -23.58
CA THR C 4 -18.54 14.57 -22.40
C THR C 4 -18.08 13.20 -22.79
N LEU C 5 -17.05 12.74 -22.09
CA LEU C 5 -16.39 11.52 -22.40
C LEU C 5 -16.31 10.82 -21.07
N THR C 6 -15.96 9.53 -21.15
CA THR C 6 -15.70 8.69 -20.03
C THR C 6 -14.49 7.87 -20.40
N ILE C 7 -13.43 7.94 -19.62
CA ILE C 7 -12.34 7.05 -19.91
C ILE C 7 -12.11 6.30 -18.61
N ARG C 8 -11.80 5.00 -18.74
CA ARG C 8 -11.46 4.18 -17.58
C ARG C 8 -9.97 3.81 -17.53
N LEU C 9 -9.30 4.17 -16.41
CA LEU C 9 -7.88 3.76 -16.17
C LEU C 9 -7.83 2.49 -15.38
N LEU C 10 -6.97 1.58 -15.76
CA LEU C 10 -6.91 0.34 -14.94
C LEU C 10 -5.72 0.45 -14.05
N HIS C 12 -3.29 -0.50 -10.16
CA HIS C 12 -2.88 -1.32 -9.01
C HIS C 12 -3.28 -0.61 -7.72
N GLY C 13 -3.43 -1.38 -6.64
CA GLY C 13 -3.96 -0.85 -5.40
C GLY C 13 -3.07 0.11 -4.60
N LYS C 14 -1.76 -0.10 -4.63
CA LYS C 14 -0.79 0.87 -4.10
C LYS C 14 -0.82 2.24 -4.86
N GLU C 15 -0.95 2.16 -6.18
CA GLU C 15 -1.18 3.34 -6.94
C GLU C 15 -2.46 4.04 -6.49
N VAL C 16 -3.54 3.29 -6.35
CA VAL C 16 -4.79 3.95 -5.99
C VAL C 16 -4.60 4.60 -4.67
N GLY C 17 -3.87 3.94 -3.79
CA GLY C 17 -3.55 4.47 -2.46
C GLY C 17 -3.25 5.94 -2.49
N SER C 18 -2.24 6.32 -3.28
CA SER C 18 -1.80 7.72 -3.26
C SER C 18 -2.66 8.68 -4.01
N ILE C 19 -3.41 8.14 -4.97
CA ILE C 19 -4.40 8.99 -5.66
C ILE C 19 -5.53 9.52 -4.73
N ILE C 20 -6.12 8.63 -3.92
CA ILE C 20 -7.04 9.02 -2.89
C ILE C 20 -6.46 9.97 -1.86
N GLY C 21 -5.29 9.64 -1.26
CA GLY C 21 -4.63 10.45 -0.17
C GLY C 21 -5.18 10.25 1.24
N LYS C 22 -4.46 10.74 2.25
CA LYS C 22 -4.92 10.51 3.65
C LYS C 22 -6.31 11.12 3.79
N LYS C 23 -7.27 10.34 4.28
CA LYS C 23 -8.61 10.80 4.34
C LYS C 23 -9.17 11.26 3.01
N GLY C 24 -8.60 10.83 1.88
CA GLY C 24 -9.21 11.12 0.57
C GLY C 24 -9.04 12.59 0.19
N GLU C 25 -8.10 13.26 0.81
CA GLU C 25 -7.87 14.66 0.48
C GLU C 25 -7.23 14.94 -0.88
N SER C 26 -6.45 14.02 -1.46
CA SER C 26 -6.04 14.17 -2.87
C SER C 26 -7.18 14.14 -3.84
N VAL C 27 -7.84 12.99 -3.94
CA VAL C 27 -8.87 12.87 -4.94
C VAL C 27 -9.96 13.94 -4.71
N LYS C 28 -10.08 14.47 -3.47
CA LYS C 28 -11.05 15.51 -3.19
C LYS C 28 -10.61 16.78 -3.93
N LYS C 29 -9.41 17.28 -3.62
CA LYS C 29 -8.76 18.31 -4.41
C LYS C 29 -8.71 18.02 -5.97
N ARG C 31 -11.10 16.35 -7.56
CA ARG C 31 -12.50 16.59 -7.91
C ARG C 31 -12.73 18.08 -8.01
N GLU C 32 -12.20 18.87 -7.10
CA GLU C 32 -12.57 20.30 -7.10
C GLU C 32 -11.89 21.09 -8.23
N GLU C 33 -10.66 20.68 -8.58
CA GLU C 33 -9.85 21.48 -9.46
C GLU C 33 -9.92 21.10 -10.85
N SER C 34 -10.24 19.81 -11.10
CA SER C 34 -10.40 19.41 -12.44
C SER C 34 -11.81 19.66 -12.93
N GLY C 35 -12.79 19.66 -12.06
CA GLY C 35 -14.19 19.61 -12.54
C GLY C 35 -14.66 18.26 -13.20
N ALA C 36 -13.86 17.22 -13.09
CA ALA C 36 -14.26 16.00 -13.73
C ALA C 36 -14.91 15.18 -12.66
N ARG C 37 -15.87 14.39 -13.05
CA ARG C 37 -16.30 13.36 -12.19
C ARG C 37 -15.25 12.30 -12.18
N ILE C 38 -14.75 12.01 -10.96
CA ILE C 38 -13.82 10.93 -10.72
C ILE C 38 -14.40 9.86 -9.83
N ASN C 39 -14.38 8.61 -10.28
CA ASN C 39 -14.94 7.53 -9.43
C ASN C 39 -13.94 6.44 -9.29
N ILE C 40 -13.78 5.93 -8.05
CA ILE C 40 -12.74 4.88 -7.78
C ILE C 40 -13.35 3.57 -7.32
N SER C 41 -13.16 2.51 -8.07
CA SER C 41 -13.84 1.29 -7.70
C SER C 41 -13.45 0.94 -6.28
N GLU C 42 -14.43 0.71 -5.47
CA GLU C 42 -14.19 0.29 -4.11
C GLU C 42 -13.65 -1.18 -3.87
N GLY C 43 -13.18 -1.40 -2.64
CA GLY C 43 -12.83 -2.75 -2.18
C GLY C 43 -11.36 -2.96 -2.43
N ASN C 44 -10.54 -3.28 -1.41
CA ASN C 44 -9.06 -3.19 -1.54
C ASN C 44 -8.51 -4.40 -2.25
N CYS C 45 -9.30 -4.75 -3.22
CA CYS C 45 -8.88 -5.42 -4.38
C CYS C 45 -7.56 -4.86 -4.92
N PRO C 46 -6.60 -5.73 -5.25
CA PRO C 46 -5.34 -5.17 -5.80
C PRO C 46 -5.36 -4.57 -7.26
N GLU C 47 -6.36 -4.94 -8.10
CA GLU C 47 -6.42 -4.40 -9.49
C GLU C 47 -7.66 -3.53 -9.79
N ARG C 48 -7.61 -2.20 -9.54
CA ARG C 48 -8.80 -1.33 -9.41
C ARG C 48 -9.07 -0.36 -10.59
N ILE C 49 -10.31 0.09 -10.78
CA ILE C 49 -10.68 0.95 -11.96
C ILE C 49 -10.99 2.40 -11.60
N ILE C 50 -10.41 3.35 -12.32
CA ILE C 50 -10.68 4.77 -12.09
C ILE C 50 -11.51 5.31 -13.23
N THR C 51 -12.63 5.89 -12.90
CA THR C 51 -13.44 6.40 -13.98
C THR C 51 -13.49 7.92 -14.08
N LEU C 52 -12.69 8.53 -14.97
CA LEU C 52 -12.83 9.98 -15.26
C LEU C 52 -13.98 10.22 -16.32
N ALA C 53 -14.85 11.22 -16.10
CA ALA C 53 -15.94 11.52 -17.02
C ALA C 53 -16.15 13.01 -16.85
N GLY C 54 -16.62 13.66 -17.93
CA GLY C 54 -16.74 15.09 -17.98
C GLY C 54 -16.32 15.66 -19.33
N PRO C 55 -16.38 17.03 -19.40
CA PRO C 55 -15.83 17.76 -20.55
C PRO C 55 -14.41 17.32 -20.86
N THR C 56 -14.08 17.10 -22.11
CA THR C 56 -12.73 16.83 -22.49
C THR C 56 -11.64 17.43 -21.59
N ASN C 57 -11.79 18.73 -21.24
CA ASN C 57 -10.72 19.38 -20.58
C ASN C 57 -10.64 19.00 -19.11
N ALA C 58 -11.80 18.78 -18.51
CA ALA C 58 -11.86 18.29 -17.15
C ALA C 58 -11.20 16.91 -17.17
N ILE C 59 -11.47 16.07 -18.18
CA ILE C 59 -10.83 14.74 -18.20
C ILE C 59 -9.34 14.92 -18.10
N PHE C 60 -8.83 15.64 -19.09
CA PHE C 60 -7.40 15.97 -19.21
C PHE C 60 -6.66 16.57 -17.96
N LYS C 61 -7.30 17.49 -17.22
CA LYS C 61 -6.74 17.90 -15.90
C LYS C 61 -6.71 16.73 -14.94
N ALA C 62 -7.79 16.02 -14.79
CA ALA C 62 -7.74 15.01 -13.77
C ALA C 62 -6.67 14.05 -14.12
N PHE C 63 -6.47 13.72 -15.40
CA PHE C 63 -5.40 12.84 -15.86
C PHE C 63 -4.03 13.44 -15.55
N ALA C 64 -3.81 14.71 -15.89
CA ALA C 64 -2.51 15.33 -15.55
C ALA C 64 -2.22 15.14 -14.05
N ILE C 66 -3.34 12.95 -11.96
CA ILE C 66 -3.18 11.54 -11.59
C ILE C 66 -1.75 11.17 -11.95
N ILE C 67 -1.29 11.49 -13.17
CA ILE C 67 0.12 11.31 -13.56
C ILE C 67 1.06 12.09 -12.63
N ASP C 68 0.64 13.25 -12.25
CA ASP C 68 1.51 14.02 -11.45
C ASP C 68 1.73 13.42 -10.05
N LYS C 69 0.89 12.44 -9.70
CA LYS C 69 0.89 11.84 -8.38
C LYS C 69 1.64 10.54 -8.43
N LEU C 70 1.39 9.72 -9.46
CA LEU C 70 2.17 8.54 -9.67
C LEU C 70 3.66 8.89 -9.86
N GLU C 71 3.98 10.06 -10.39
CA GLU C 71 5.42 10.33 -10.47
C GLU C 71 5.99 10.99 -9.18
N GLU C 72 5.09 11.58 -8.36
CA GLU C 72 5.38 12.35 -7.06
C GLU C 72 6.42 11.74 -6.14
N THR D 4 10.28 6.89 -16.71
CA THR D 4 9.31 6.14 -17.56
C THR D 4 8.06 5.68 -16.79
N LEU D 5 6.90 5.84 -17.42
CA LEU D 5 5.55 5.57 -16.84
C LEU D 5 4.69 4.54 -17.64
N THR D 6 3.76 3.85 -16.98
CA THR D 6 2.92 2.93 -17.67
C THR D 6 1.48 3.23 -17.28
N ILE D 7 0.65 3.69 -18.20
CA ILE D 7 -0.72 3.73 -17.74
C ILE D 7 -1.50 2.80 -18.59
N ARG D 8 -2.44 2.09 -18.00
CA ARG D 8 -3.37 1.25 -18.78
C ARG D 8 -4.85 1.84 -18.85
N LEU D 9 -5.40 1.90 -20.06
CA LEU D 9 -6.76 2.41 -20.25
C LEU D 9 -7.68 1.26 -20.52
N LEU D 10 -8.84 1.27 -19.91
CA LEU D 10 -9.71 0.15 -20.13
C LEU D 10 -10.80 0.54 -21.10
N HIS D 12 -13.90 -0.18 -24.27
CA HIS D 12 -14.89 -0.86 -25.06
C HIS D 12 -14.40 -1.09 -26.50
N GLY D 13 -14.71 -2.25 -27.11
CA GLY D 13 -14.14 -2.63 -28.42
C GLY D 13 -14.51 -1.81 -29.64
N LYS D 14 -15.67 -1.17 -29.58
CA LYS D 14 -16.08 -0.26 -30.63
C LYS D 14 -15.23 1.08 -30.58
N GLU D 15 -14.86 1.48 -29.35
CA GLU D 15 -13.85 2.55 -29.19
C GLU D 15 -12.49 2.14 -29.70
N VAL D 16 -12.06 0.91 -29.46
CA VAL D 16 -10.71 0.54 -29.95
C VAL D 16 -10.64 0.66 -31.45
N GLY D 17 -11.71 0.25 -32.11
CA GLY D 17 -11.86 0.43 -33.59
C GLY D 17 -11.35 1.75 -34.18
N SER D 18 -11.99 2.85 -33.81
CA SER D 18 -11.43 4.15 -34.24
C SER D 18 -10.05 4.53 -33.74
N ILE D 19 -9.54 3.89 -32.66
CA ILE D 19 -8.19 4.18 -32.21
C ILE D 19 -7.12 3.61 -33.12
N ILE D 20 -7.36 2.42 -33.69
CA ILE D 20 -6.43 1.86 -34.69
C ILE D 20 -6.62 2.55 -36.09
N GLY D 21 -7.85 2.59 -36.54
CA GLY D 21 -8.10 3.16 -37.85
C GLY D 21 -7.99 2.17 -38.96
N LYS D 22 -8.51 2.58 -40.11
CA LYS D 22 -8.38 1.78 -41.33
C LYS D 22 -6.95 1.38 -41.56
N LYS D 23 -6.66 0.08 -41.37
CA LYS D 23 -5.30 -0.51 -41.53
C LYS D 23 -4.37 -0.06 -40.47
N GLY D 24 -4.87 0.38 -39.33
CA GLY D 24 -4.01 0.89 -38.24
C GLY D 24 -3.23 2.17 -38.56
N GLU D 25 -3.77 2.94 -39.46
CA GLU D 25 -3.21 4.22 -39.87
C GLU D 25 -3.15 5.26 -38.76
N SER D 26 -4.25 5.31 -38.05
CA SER D 26 -4.37 6.20 -36.94
C SER D 26 -3.48 5.84 -35.73
N VAL D 27 -3.52 4.60 -35.19
CA VAL D 27 -2.55 4.21 -34.16
C VAL D 27 -1.04 4.20 -34.61
N LYS D 28 -0.78 4.11 -35.92
CA LYS D 28 0.60 4.29 -36.42
C LYS D 28 1.02 5.76 -36.25
N LYS D 29 0.10 6.67 -36.55
CA LYS D 29 0.30 8.11 -36.34
C LYS D 29 0.63 8.38 -34.88
N ARG D 31 1.85 6.32 -32.65
CA ARG D 31 3.09 5.77 -32.17
C ARG D 31 4.21 6.69 -32.60
N GLU D 32 4.17 7.12 -33.87
CA GLU D 32 5.14 7.99 -34.45
C GLU D 32 5.13 9.33 -33.83
N GLU D 33 3.98 9.93 -33.59
CA GLU D 33 3.98 11.28 -33.05
C GLU D 33 4.13 11.45 -31.54
N SER D 34 3.65 10.49 -30.77
CA SER D 34 3.79 10.69 -29.34
C SER D 34 5.17 10.21 -28.93
N GLY D 35 5.75 9.23 -29.66
CA GLY D 35 6.96 8.57 -29.12
C GLY D 35 6.67 7.79 -27.87
N ALA D 36 5.40 7.54 -27.54
CA ALA D 36 5.09 6.55 -26.51
C ALA D 36 5.01 5.19 -27.09
N ARG D 37 5.22 4.22 -26.22
CA ARG D 37 4.81 2.88 -26.65
C ARG D 37 3.40 2.64 -26.41
N ILE D 38 2.73 2.20 -27.46
CA ILE D 38 1.34 1.96 -27.35
C ILE D 38 1.13 0.49 -27.67
N ASN D 39 0.47 -0.24 -26.77
CA ASN D 39 0.09 -1.58 -27.13
C ASN D 39 -1.39 -1.80 -26.88
N ILE D 40 -2.08 -2.45 -27.84
CA ILE D 40 -3.53 -2.69 -27.72
C ILE D 40 -3.74 -4.18 -27.58
N SER D 41 -4.35 -4.60 -26.48
CA SER D 41 -4.51 -6.01 -26.26
C SER D 41 -5.28 -6.58 -27.40
N GLU D 42 -4.92 -7.83 -27.57
CA GLU D 42 -5.37 -8.76 -28.54
C GLU D 42 -6.79 -9.29 -28.41
N GLY D 43 -7.51 -9.32 -29.54
CA GLY D 43 -8.72 -10.18 -29.72
C GLY D 43 -9.80 -9.41 -30.40
N ASN D 44 -10.99 -9.94 -30.50
CA ASN D 44 -12.08 -9.15 -31.00
C ASN D 44 -12.96 -9.12 -29.78
N CYS D 45 -12.26 -8.92 -28.69
CA CYS D 45 -12.73 -9.04 -27.38
C CYS D 45 -13.45 -7.77 -27.11
N PRO D 46 -14.69 -7.83 -26.63
CA PRO D 46 -15.37 -6.52 -26.46
C PRO D 46 -14.75 -5.51 -25.47
N GLU D 47 -14.04 -6.01 -24.45
CA GLU D 47 -13.41 -5.15 -23.40
C GLU D 47 -11.88 -5.13 -23.38
N ARG D 48 -11.23 -4.09 -23.91
CA ARG D 48 -9.78 -4.18 -24.29
C ARG D 48 -8.82 -3.16 -23.67
N ILE D 49 -7.59 -3.58 -23.36
CA ILE D 49 -6.69 -2.78 -22.53
C ILE D 49 -5.62 -2.11 -23.38
N ILE D 50 -5.44 -0.78 -23.22
CA ILE D 50 -4.44 -0.02 -23.99
C ILE D 50 -3.39 0.45 -23.05
N THR D 51 -2.18 -0.01 -23.34
CA THR D 51 -0.99 0.33 -22.54
C THR D 51 -0.19 1.47 -23.19
N LEU D 52 0.02 2.55 -22.44
CA LEU D 52 0.86 3.71 -22.87
C LEU D 52 2.06 3.68 -21.96
N ALA D 53 3.27 3.74 -22.52
CA ALA D 53 4.49 3.56 -21.74
C ALA D 53 5.44 4.56 -22.30
N GLY D 54 6.28 5.19 -21.49
CA GLY D 54 7.10 6.25 -22.01
C GLY D 54 7.26 7.42 -21.08
N PRO D 55 8.09 8.42 -21.46
CA PRO D 55 8.25 9.60 -20.58
C PRO D 55 6.95 10.38 -20.45
N THR D 56 6.80 11.14 -19.37
CA THR D 56 5.55 11.93 -19.16
C THR D 56 4.92 12.55 -20.49
N ASN D 57 5.73 13.21 -21.28
CA ASN D 57 5.12 13.84 -22.39
C ASN D 57 4.59 12.99 -23.52
N ALA D 58 5.23 11.87 -23.73
CA ALA D 58 4.75 10.95 -24.65
C ALA D 58 3.44 10.48 -24.17
N ILE D 59 3.37 10.19 -22.89
CA ILE D 59 2.12 9.67 -22.37
C ILE D 59 1.08 10.69 -22.66
N PHE D 60 1.32 11.94 -22.27
CA PHE D 60 0.35 13.00 -22.58
C PHE D 60 -0.05 13.18 -24.02
N LYS D 61 0.93 13.16 -24.93
CA LYS D 61 0.57 13.27 -26.29
C LYS D 61 -0.32 12.09 -26.63
N ALA D 62 0.05 10.83 -26.28
CA ALA D 62 -0.80 9.72 -26.72
C ALA D 62 -2.14 9.86 -26.17
N PHE D 63 -2.22 10.27 -24.91
CA PHE D 63 -3.51 10.34 -24.22
C PHE D 63 -4.47 11.37 -24.89
N ALA D 64 -3.98 12.65 -25.04
CA ALA D 64 -4.57 13.71 -25.89
C ALA D 64 -5.06 13.15 -27.21
N ILE D 66 -5.67 10.13 -28.06
CA ILE D 66 -6.72 9.13 -27.83
C ILE D 66 -8.01 9.87 -27.43
N ILE D 67 -7.90 10.94 -26.65
CA ILE D 67 -9.08 11.71 -26.27
C ILE D 67 -9.76 12.36 -27.52
N ASP D 68 -8.98 12.87 -28.46
CA ASP D 68 -9.56 13.45 -29.69
C ASP D 68 -10.35 12.41 -30.52
N LYS D 69 -9.91 11.16 -30.47
CA LYS D 69 -10.54 10.13 -31.26
C LYS D 69 -11.84 9.74 -30.67
N LEU D 70 -11.89 9.51 -29.39
CA LEU D 70 -13.20 9.30 -28.76
C LEU D 70 -14.20 10.48 -28.90
N GLU D 71 -13.69 11.69 -29.11
CA GLU D 71 -14.55 12.84 -29.14
C GLU D 71 -15.22 12.98 -30.54
N GLU D 72 -14.62 12.34 -31.54
CA GLU D 72 -14.96 12.37 -32.97
C GLU D 72 -16.20 11.48 -33.30
N THR E 4 9.52 -13.18 4.82
CA THR E 4 9.10 -11.81 5.26
C THR E 4 7.87 -11.85 6.11
N LEU E 5 8.02 -11.31 7.30
CA LEU E 5 7.05 -11.54 8.30
C LEU E 5 6.58 -10.18 8.65
N THR E 6 5.39 -10.08 9.24
CA THR E 6 4.87 -8.83 9.74
C THR E 6 4.54 -9.03 11.24
N ILE E 7 5.08 -8.19 12.09
CA ILE E 7 4.65 -8.28 13.43
C ILE E 7 4.20 -6.90 13.95
N ARG E 8 3.27 -6.95 14.90
CA ARG E 8 2.54 -5.75 15.30
C ARG E 8 2.68 -5.50 16.76
N LEU E 9 3.14 -4.29 17.05
CA LEU E 9 3.38 -3.88 18.42
C LEU E 9 2.38 -2.85 18.89
N LEU E 10 1.79 -3.12 20.02
CA LEU E 10 0.73 -2.27 20.53
C LEU E 10 1.34 -1.37 21.60
N HIS E 12 1.34 2.10 24.18
CA HIS E 12 0.68 3.33 24.71
C HIS E 12 1.19 4.59 23.93
N GLY E 13 0.47 5.69 23.98
CA GLY E 13 0.88 6.94 23.32
C GLY E 13 2.14 7.57 23.91
N LYS E 14 2.19 7.78 25.24
CA LYS E 14 3.37 8.25 25.97
C LYS E 14 4.70 7.63 25.46
N GLU E 15 4.69 6.35 25.05
CA GLU E 15 5.95 5.72 24.69
C GLU E 15 6.38 6.07 23.25
N VAL E 16 5.40 6.41 22.43
CA VAL E 16 5.68 6.55 21.02
C VAL E 16 6.51 7.73 20.69
N GLY E 17 6.35 8.81 21.44
CA GLY E 17 7.08 10.06 21.18
C GLY E 17 8.58 9.95 21.20
N SER E 18 9.16 9.19 22.15
CA SER E 18 10.62 8.99 22.25
C SER E 18 11.15 8.10 21.16
N ILE E 19 10.32 7.17 20.68
CA ILE E 19 10.70 6.30 19.56
C ILE E 19 10.84 7.16 18.31
N ILE E 20 9.94 8.06 18.06
CA ILE E 20 10.10 8.90 16.87
C ILE E 20 11.22 9.93 17.04
N GLY E 21 11.21 10.63 18.16
CA GLY E 21 12.28 11.55 18.52
C GLY E 21 12.03 12.88 17.85
N LYS E 22 12.80 13.90 18.22
CA LYS E 22 12.61 15.18 17.58
C LYS E 22 12.76 15.04 16.09
N LYS E 23 11.68 15.35 15.39
CA LYS E 23 11.67 15.48 13.94
C LYS E 23 11.83 14.16 13.21
N GLY E 24 11.68 13.03 13.88
CA GLY E 24 11.91 11.73 13.22
C GLY E 24 13.34 11.24 13.41
N GLU E 25 14.10 12.00 14.21
CA GLU E 25 15.51 11.72 14.45
C GLU E 25 15.73 10.25 14.95
N SER E 26 14.98 9.83 15.95
CA SER E 26 15.17 8.51 16.50
C SER E 26 14.68 7.36 15.58
N VAL E 27 13.42 7.43 15.11
CA VAL E 27 12.95 6.31 14.26
C VAL E 27 13.67 6.16 12.94
N LYS E 28 14.19 7.25 12.48
CA LYS E 28 14.88 7.29 11.25
C LYS E 28 16.16 6.44 11.41
N LYS E 29 16.90 6.63 12.49
CA LYS E 29 18.04 5.76 12.79
C LYS E 29 17.71 4.26 12.84
N ARG E 31 15.12 2.92 11.24
CA ARG E 31 14.86 2.54 9.83
C ARG E 31 16.26 2.24 9.18
N GLU E 32 17.16 3.25 9.10
CA GLU E 32 18.50 3.08 8.47
C GLU E 32 19.17 1.77 9.02
N GLU E 33 19.38 1.75 10.31
CA GLU E 33 20.13 0.66 10.88
C GLU E 33 19.55 -0.77 10.81
N SER E 34 18.23 -0.95 10.87
CA SER E 34 17.70 -2.31 10.96
C SER E 34 17.46 -2.87 9.61
N GLY E 35 17.20 -1.98 8.68
CA GLY E 35 16.80 -2.31 7.35
C GLY E 35 15.48 -3.01 7.37
N ALA E 36 14.68 -2.81 8.45
CA ALA E 36 13.29 -3.30 8.53
C ALA E 36 12.28 -2.27 7.99
N ARG E 37 11.17 -2.72 7.47
CA ARG E 37 10.14 -1.78 7.18
C ARG E 37 9.43 -1.43 8.53
N ILE E 38 9.31 -0.17 8.85
CA ILE E 38 8.66 0.16 10.09
C ILE E 38 7.56 1.17 9.89
N ASN E 39 6.35 0.90 10.39
CA ASN E 39 5.24 1.84 10.29
C ASN E 39 4.73 2.12 11.64
N ILE E 40 4.52 3.40 11.94
CA ILE E 40 3.87 3.80 13.19
C ILE E 40 2.54 4.40 12.87
N SER E 41 1.45 3.75 13.32
CA SER E 41 0.05 4.21 13.11
C SER E 41 -0.14 5.69 13.44
N GLU E 42 -1.03 6.35 12.76
CA GLU E 42 -0.95 7.74 12.91
C GLU E 42 -1.86 8.28 13.96
N GLY E 43 -1.40 9.31 14.60
CA GLY E 43 -2.32 9.94 15.45
C GLY E 43 -1.97 9.98 16.89
N ASN E 44 -2.71 10.86 17.54
CA ASN E 44 -2.53 11.20 18.92
C ASN E 44 -2.69 10.14 19.97
N CYS E 45 -3.06 8.94 19.53
CA CYS E 45 -3.84 7.97 20.25
C CYS E 45 -3.35 7.48 21.59
N PRO E 46 -4.30 7.16 22.49
CA PRO E 46 -3.82 6.68 23.78
C PRO E 46 -3.22 5.31 23.54
N GLU E 47 -3.29 4.89 22.26
CA GLU E 47 -3.16 3.51 21.83
C GLU E 47 -2.71 3.34 20.36
N ARG E 48 -1.52 2.88 20.08
CA ARG E 48 -0.92 3.02 18.77
C ARG E 48 -0.27 1.74 18.37
N ILE E 49 -0.12 1.50 17.06
CA ILE E 49 0.51 0.24 16.56
C ILE E 49 1.81 0.55 15.84
N ILE E 50 2.89 -0.13 16.22
CA ILE E 50 4.14 -0.08 15.46
C ILE E 50 4.32 -1.39 14.70
N THR E 51 4.52 -1.32 13.38
CA THR E 51 4.53 -2.54 12.55
C THR E 51 5.95 -2.83 12.05
N LEU E 52 6.45 -4.01 12.30
CA LEU E 52 7.78 -4.26 11.78
C LEU E 52 7.64 -5.31 10.73
N ALA E 53 8.22 -5.10 9.55
CA ALA E 53 8.21 -6.11 8.48
C ALA E 53 9.56 -6.08 7.78
N GLY E 54 9.88 -7.15 7.08
CA GLY E 54 11.18 -7.33 6.37
C GLY E 54 11.71 -8.71 6.63
N PRO E 55 12.95 -8.94 6.29
CA PRO E 55 13.45 -10.27 6.75
C PRO E 55 13.46 -10.35 8.26
N THR E 56 13.42 -11.54 8.83
CA THR E 56 13.56 -11.77 10.27
C THR E 56 14.82 -11.11 10.92
N ASN E 57 15.94 -11.09 10.25
CA ASN E 57 17.08 -10.35 10.75
C ASN E 57 16.82 -8.91 11.03
N ALA E 58 15.93 -8.33 10.26
CA ALA E 58 15.72 -6.97 10.32
C ALA E 58 14.67 -6.68 11.42
N ILE E 59 13.57 -7.42 11.41
CA ILE E 59 12.66 -7.41 12.52
C ILE E 59 13.45 -7.58 13.82
N PHE E 60 14.32 -8.56 13.91
CA PHE E 60 15.17 -8.57 15.15
C PHE E 60 15.89 -7.30 15.52
N LYS E 61 16.61 -6.69 14.55
CA LYS E 61 17.33 -5.46 14.78
C LYS E 61 16.44 -4.35 15.26
N ALA E 62 15.36 -4.08 14.53
CA ALA E 62 14.43 -3.02 14.88
C ALA E 62 13.83 -3.21 16.27
N PHE E 63 13.39 -4.43 16.59
CA PHE E 63 12.83 -4.75 17.88
C PHE E 63 13.80 -4.48 19.08
N ALA E 64 15.00 -4.98 18.95
CA ALA E 64 16.09 -4.66 19.89
C ALA E 64 16.21 -3.17 20.18
N ILE E 66 13.95 -0.78 19.76
CA ILE E 66 12.74 -0.17 20.27
C ILE E 66 12.76 -0.42 21.79
N ILE E 67 13.02 -1.68 22.12
CA ILE E 67 13.22 -2.12 23.48
C ILE E 67 14.25 -1.33 24.28
N ASP E 68 15.46 -1.17 23.73
CA ASP E 68 16.49 -0.32 24.30
C ASP E 68 16.08 1.16 24.47
N LYS E 69 15.42 1.75 23.47
CA LYS E 69 14.91 3.11 23.57
C LYS E 69 13.83 3.25 24.67
N LEU E 70 13.03 2.21 24.84
CA LEU E 70 11.94 2.28 25.79
C LEU E 70 12.51 2.25 27.16
N GLU E 71 13.61 1.49 27.33
CA GLU E 71 14.14 1.35 28.67
C GLU E 71 15.07 2.46 29.10
N GLU E 72 15.53 3.27 28.17
CA GLU E 72 16.37 4.39 28.54
C GLU E 72 15.43 5.48 29.01
N THR F 4 12.66 -2.61 33.97
CA THR F 4 11.81 -3.69 33.45
C THR F 4 10.52 -3.27 32.68
N LEU F 5 10.40 -3.78 31.46
CA LEU F 5 9.44 -3.29 30.55
C LEU F 5 8.32 -4.30 30.42
N THR F 6 7.27 -3.82 29.76
CA THR F 6 6.16 -4.63 29.34
C THR F 6 5.93 -4.32 27.86
N ILE F 7 5.93 -5.35 27.01
CA ILE F 7 5.60 -5.15 25.63
C ILE F 7 4.38 -6.00 25.18
N ARG F 8 3.64 -5.42 24.22
CA ARG F 8 2.37 -5.94 23.79
C ARG F 8 2.36 -6.27 22.36
N LEU F 9 2.09 -7.54 22.08
CA LEU F 9 2.04 -7.97 20.66
C LEU F 9 0.63 -8.30 20.26
N LEU F 10 0.25 -7.84 19.10
CA LEU F 10 -1.08 -8.01 18.57
C LEU F 10 -1.01 -9.21 17.54
N HIS F 12 -2.86 -12.27 15.04
CA HIS F 12 -4.07 -12.91 14.39
C HIS F 12 -4.32 -14.24 15.08
N GLY F 13 -5.59 -14.61 15.28
CA GLY F 13 -5.93 -15.83 16.04
C GLY F 13 -5.37 -16.99 15.26
N LYS F 14 -5.36 -16.78 13.93
CA LYS F 14 -4.73 -17.73 12.97
C LYS F 14 -3.48 -18.39 13.53
N GLU F 15 -2.67 -17.55 14.19
CA GLU F 15 -1.27 -17.74 14.56
C GLU F 15 -1.01 -18.14 16.00
N VAL F 16 -2.07 -18.26 16.80
CA VAL F 16 -1.95 -18.23 18.25
C VAL F 16 -2.00 -19.62 18.73
N GLY F 17 -2.83 -20.41 18.07
CA GLY F 17 -2.78 -21.84 18.16
C GLY F 17 -1.40 -22.51 18.24
N SER F 18 -0.45 -22.07 17.43
CA SER F 18 0.88 -22.75 17.38
C SER F 18 1.86 -22.21 18.35
N ILE F 19 1.71 -20.94 18.73
CA ILE F 19 2.45 -20.41 19.84
C ILE F 19 2.10 -21.16 21.15
N ILE F 20 0.81 -21.33 21.47
CA ILE F 20 0.48 -22.10 22.70
C ILE F 20 0.93 -23.56 22.54
N GLY F 21 0.73 -24.12 21.32
CA GLY F 21 0.85 -25.56 21.05
C GLY F 21 -0.18 -26.44 21.78
N LYS F 22 -0.31 -27.68 21.31
CA LYS F 22 -1.16 -28.65 22.01
C LYS F 22 -0.95 -28.68 23.51
N LYS F 23 -2.04 -28.48 24.24
CA LYS F 23 -1.99 -28.57 25.70
C LYS F 23 -1.16 -27.48 26.36
N GLY F 24 -0.55 -26.60 25.56
CA GLY F 24 0.26 -25.50 26.12
C GLY F 24 1.72 -25.86 26.06
N GLU F 25 2.00 -26.97 25.39
CA GLU F 25 3.34 -27.49 25.29
C GLU F 25 4.26 -26.40 24.86
N SER F 26 3.90 -25.76 23.77
CA SER F 26 4.84 -24.89 23.11
C SER F 26 5.13 -23.59 23.90
N VAL F 27 4.10 -22.86 24.31
CA VAL F 27 4.32 -21.67 25.17
C VAL F 27 4.95 -21.99 26.52
N LYS F 28 4.75 -23.22 26.97
CA LYS F 28 5.34 -23.60 28.20
C LYS F 28 6.85 -23.60 28.15
N LYS F 29 7.40 -24.10 27.06
CA LYS F 29 8.85 -23.95 26.76
C LYS F 29 9.31 -22.50 26.80
N ARG F 31 7.92 -20.00 28.54
CA ARG F 31 7.92 -19.52 29.96
C ARG F 31 9.12 -20.03 30.80
N GLU F 32 9.38 -21.33 30.68
CA GLU F 32 10.54 -22.04 31.26
C GLU F 32 11.80 -21.38 30.81
N GLU F 33 12.00 -21.35 29.48
CA GLU F 33 13.25 -20.97 28.88
C GLU F 33 13.57 -19.49 28.74
N SER F 34 12.62 -18.57 28.86
CA SER F 34 12.95 -17.19 28.40
C SER F 34 13.21 -16.28 29.60
N GLY F 35 12.63 -16.64 30.73
CA GLY F 35 12.76 -15.86 31.94
C GLY F 35 11.91 -14.61 31.82
N ALA F 36 10.94 -14.61 30.86
CA ALA F 36 9.93 -13.51 30.79
C ALA F 36 8.60 -13.92 31.24
N ARG F 37 7.87 -13.04 31.90
CA ARG F 37 6.48 -13.29 32.20
C ARG F 37 5.63 -13.21 30.88
N ILE F 38 4.93 -14.28 30.51
CA ILE F 38 4.16 -14.21 29.20
C ILE F 38 2.65 -14.45 29.36
N ASN F 39 1.83 -13.56 28.81
CA ASN F 39 0.37 -13.68 28.99
C ASN F 39 -0.30 -13.68 27.64
N ILE F 40 -1.29 -14.52 27.51
CA ILE F 40 -2.05 -14.60 26.26
C ILE F 40 -3.53 -14.40 26.57
N SER F 41 -4.06 -13.26 26.08
CA SER F 41 -5.45 -12.85 26.39
C SER F 41 -6.35 -14.02 26.12
N GLU F 42 -7.45 -14.21 26.87
CA GLU F 42 -8.16 -15.43 26.53
C GLU F 42 -9.02 -15.25 25.39
N GLY F 43 -9.10 -16.36 24.69
CA GLY F 43 -9.95 -16.45 23.54
C GLY F 43 -10.06 -15.11 22.83
N ASN F 44 -11.10 -14.94 22.03
CA ASN F 44 -11.76 -16.00 21.27
C ASN F 44 -10.70 -16.29 20.19
N CYS F 45 -9.96 -15.29 19.64
CA CYS F 45 -10.39 -13.91 19.24
C CYS F 45 -9.76 -13.66 17.84
N PRO F 46 -10.44 -12.87 16.98
CA PRO F 46 -9.80 -12.77 15.69
C PRO F 46 -8.63 -11.81 15.82
N GLU F 47 -8.35 -11.38 17.08
CA GLU F 47 -7.27 -10.40 17.43
C GLU F 47 -6.84 -10.56 18.89
N ARG F 48 -5.65 -11.07 19.10
CA ARG F 48 -5.21 -11.42 20.43
C ARG F 48 -3.97 -10.72 20.85
N ILE F 49 -3.76 -10.62 22.17
CA ILE F 49 -2.61 -9.84 22.71
C ILE F 49 -1.70 -10.80 23.48
N ILE F 50 -0.46 -10.78 23.11
CA ILE F 50 0.56 -11.48 23.90
C ILE F 50 1.37 -10.47 24.66
N THR F 51 1.28 -10.52 26.00
CA THR F 51 2.07 -9.57 26.87
C THR F 51 3.38 -10.12 27.39
N LEU F 52 4.51 -9.50 27.06
CA LEU F 52 5.83 -9.98 27.52
C LEU F 52 6.36 -9.00 28.48
N ALA F 53 6.85 -9.46 29.63
CA ALA F 53 7.42 -8.60 30.67
C ALA F 53 8.50 -9.36 31.42
N GLY F 54 9.39 -8.63 32.12
CA GLY F 54 10.63 -9.16 32.57
C GLY F 54 11.80 -8.22 32.17
N PRO F 55 13.06 -8.57 32.60
CA PRO F 55 14.16 -7.69 32.15
C PRO F 55 14.25 -7.74 30.60
N THR F 56 14.74 -6.66 30.02
CA THR F 56 14.91 -6.57 28.57
C THR F 56 15.30 -7.83 27.78
N ASN F 57 16.24 -8.64 28.29
CA ASN F 57 16.83 -9.69 27.46
C ASN F 57 15.93 -10.90 27.59
N ALA F 58 15.02 -10.84 28.55
CA ALA F 58 14.12 -11.95 28.76
C ALA F 58 13.03 -11.71 27.68
N ILE F 59 12.75 -10.43 27.45
CA ILE F 59 11.69 -10.07 26.51
C ILE F 59 12.22 -10.29 25.09
N PHE F 60 13.46 -9.99 24.94
CA PHE F 60 14.02 -10.39 23.69
C PHE F 60 14.01 -11.93 23.36
N LYS F 61 14.51 -12.75 24.30
CA LYS F 61 14.52 -14.20 24.20
C LYS F 61 13.09 -14.70 23.97
N ALA F 62 12.07 -14.06 24.55
CA ALA F 62 10.65 -14.50 24.44
C ALA F 62 10.13 -14.27 23.08
N PHE F 63 10.48 -13.11 22.58
CA PHE F 63 10.16 -12.64 21.27
C PHE F 63 10.78 -13.49 20.16
N ALA F 64 12.07 -13.80 20.30
CA ALA F 64 12.77 -14.68 19.30
C ALA F 64 12.10 -16.07 19.22
N ILE F 66 8.93 -16.59 19.91
CA ILE F 66 7.65 -16.38 19.20
C ILE F 66 7.86 -16.40 17.71
N ILE F 67 8.82 -15.59 17.27
CA ILE F 67 9.22 -15.53 15.89
C ILE F 67 9.66 -16.84 15.31
N ASP F 68 10.48 -17.56 16.04
CA ASP F 68 10.81 -18.91 15.61
C ASP F 68 9.61 -19.67 15.18
N LYS F 69 8.74 -19.92 16.17
CA LYS F 69 7.51 -20.66 16.00
C LYS F 69 6.62 -20.16 14.85
N LEU F 70 6.53 -18.84 14.74
CA LEU F 70 5.71 -18.24 13.74
C LEU F 70 6.24 -18.58 12.39
N GLU F 71 7.53 -18.77 12.22
CA GLU F 71 7.98 -18.87 10.83
C GLU F 71 8.13 -20.27 10.26
N GLU F 72 8.19 -21.24 11.15
CA GLU F 72 7.68 -22.57 10.80
C GLU F 72 6.29 -22.68 10.11
#